data_3CU5
#
_entry.id   3CU5
#
_cell.length_a   34.326
_cell.length_b   87.038
_cell.length_c   52.697
_cell.angle_alpha   90.000
_cell.angle_beta   106.220
_cell.angle_gamma   90.000
#
_symmetry.space_group_name_H-M   'P 1 21 1'
#
loop_
_entity.id
_entity.type
_entity.pdbx_description
1 polymer 'Two component transcriptional regulator, AraC family'
2 water water
#
_entity_poly.entity_id   1
_entity_poly.type   'polypeptide(L)'
_entity_poly.pdbx_seq_one_letter_code
;MSLRILIVDDEKLTRDGLIANINWKALSFDQIDQADDGINAIQIALKHPPNVLLTDVRMPRMDGIELVDNILKLYPDCSV
IFMSGYSDKEYLKAAIKFRAIRYVEKPIDPSEIMDALKQSIQTVLQHQAQQDSEGHHHHHH
;
_entity_poly.pdbx_strand_id   A,B
#
# COMPACT_ATOMS: atom_id res chain seq x y z
N SER A 2 12.90 8.13 -24.67
CA SER A 2 13.00 7.71 -23.25
C SER A 2 12.53 6.26 -22.96
N LEU A 3 13.22 5.63 -21.99
CA LEU A 3 12.75 4.47 -21.18
C LEU A 3 11.87 4.96 -20.01
N ARG A 4 10.57 4.81 -20.17
CA ARG A 4 9.60 5.13 -19.14
C ARG A 4 8.89 3.91 -18.60
N ILE A 5 8.83 3.85 -17.27
CA ILE A 5 7.84 3.06 -16.57
C ILE A 5 6.63 3.90 -16.23
N LEU A 6 5.46 3.25 -16.35
CA LEU A 6 4.16 3.87 -16.04
C LEU A 6 3.41 3.06 -14.96
N ILE A 7 3.25 3.68 -13.80
CA ILE A 7 2.78 3.01 -12.61
C ILE A 7 1.36 3.47 -12.36
N VAL A 8 0.45 2.53 -12.32
CA VAL A 8 -0.93 2.91 -12.21
C VAL A 8 -1.63 2.29 -11.00
N ASP A 9 -1.98 3.15 -10.05
CA ASP A 9 -2.65 2.66 -8.89
C ASP A 9 -3.51 3.72 -8.25
N ASP A 10 -4.69 3.25 -7.84
CA ASP A 10 -5.68 4.01 -7.12
C ASP A 10 -5.11 4.78 -5.90
N GLU A 11 -4.14 4.17 -5.20
CA GLU A 11 -3.69 4.66 -3.89
C GLU A 11 -2.29 5.24 -3.84
N LYS A 12 -2.23 6.52 -3.46
CA LYS A 12 -1.00 7.27 -3.36
C LYS A 12 0.08 6.55 -2.54
N LEU A 13 -0.32 5.94 -1.43
CA LEU A 13 0.58 5.27 -0.55
C LEU A 13 1.21 4.08 -1.22
N THR A 14 0.47 3.43 -2.13
CA THR A 14 1.08 2.27 -2.83
C THR A 14 2.08 2.59 -3.93
N ARG A 15 1.80 3.64 -4.72
CA ARG A 15 2.77 4.16 -5.71
C ARG A 15 4.04 4.65 -4.99
N ASP A 16 3.92 5.74 -4.24
CA ASP A 16 4.94 6.12 -3.27
C ASP A 16 5.74 4.94 -2.72
N GLY A 17 5.11 3.98 -2.05
CA GLY A 17 5.88 2.94 -1.30
C GLY A 17 6.58 2.06 -2.32
N LEU A 18 5.98 1.97 -3.47
CA LEU A 18 6.60 1.26 -4.57
C LEU A 18 7.81 1.97 -5.07
N ILE A 19 7.61 3.22 -5.45
CA ILE A 19 8.73 3.96 -5.91
C ILE A 19 9.81 3.92 -4.83
N ALA A 20 9.43 4.12 -3.57
CA ALA A 20 10.41 4.07 -2.49
C ALA A 20 11.24 2.79 -2.49
N ASN A 21 10.60 1.69 -2.89
CA ASN A 21 11.20 0.38 -2.79
C ASN A 21 11.95 -0.05 -4.02
N ILE A 22 12.02 0.77 -5.05
CA ILE A 22 12.71 0.39 -6.29
C ILE A 22 14.11 1.02 -6.47
N ASN A 23 15.12 0.16 -6.48
CA ASN A 23 16.47 0.68 -6.58
C ASN A 23 16.68 1.11 -7.99
N TRP A 24 16.13 2.26 -8.33
CA TRP A 24 16.23 2.79 -9.67
C TRP A 24 17.69 3.02 -10.08
N LYS A 25 18.61 2.93 -9.13
CA LYS A 25 20.00 2.90 -9.50
C LYS A 25 20.20 1.72 -10.46
N ALA A 26 19.97 0.49 -9.99
CA ALA A 26 20.13 -0.73 -10.82
C ALA A 26 19.12 -1.01 -11.96
N LEU A 27 18.45 0.00 -12.51
CA LEU A 27 17.68 -0.20 -13.75
C LEU A 27 17.85 0.97 -14.74
N SER A 28 17.28 0.83 -15.94
CA SER A 28 17.43 1.87 -16.98
C SER A 28 16.39 3.00 -17.06
N PHE A 29 15.23 2.82 -16.45
CA PHE A 29 14.25 3.86 -16.51
C PHE A 29 14.84 5.24 -16.57
N ASP A 30 14.34 6.00 -17.53
CA ASP A 30 14.70 7.40 -17.70
C ASP A 30 13.73 8.18 -16.85
N GLN A 31 12.51 7.65 -16.77
CA GLN A 31 11.38 8.40 -16.29
C GLN A 31 10.39 7.50 -15.57
N ILE A 32 9.96 7.95 -14.40
CA ILE A 32 8.86 7.32 -13.68
C ILE A 32 7.61 8.17 -13.83
N ASP A 33 6.53 7.50 -14.17
CA ASP A 33 5.26 8.13 -14.45
C ASP A 33 4.19 7.47 -13.63
N GLN A 34 3.21 8.27 -13.22
CA GLN A 34 2.08 7.75 -12.46
C GLN A 34 0.87 8.68 -12.41
N ALA A 35 -0.33 8.25 -12.05
CA ALA A 35 -1.47 7.76 -12.86
C ALA A 35 -2.31 6.92 -11.93
N ASP A 36 -3.49 7.44 -11.61
CA ASP A 36 -4.28 6.92 -10.51
C ASP A 36 -5.46 6.06 -11.00
N ASP A 37 -5.78 6.14 -12.28
CA ASP A 37 -6.93 5.41 -12.81
C ASP A 37 -6.58 5.04 -14.21
N GLY A 38 -7.27 4.08 -14.78
CA GLY A 38 -7.00 3.71 -16.15
C GLY A 38 -7.03 4.85 -17.15
N ILE A 39 -7.88 5.85 -16.94
CA ILE A 39 -8.04 6.88 -17.97
C ILE A 39 -6.95 7.94 -17.90
N ASN A 40 -6.66 8.43 -16.71
CA ASN A 40 -5.50 9.30 -16.58
C ASN A 40 -4.22 8.57 -17.04
N ALA A 41 -4.23 7.24 -16.95
CA ALA A 41 -3.13 6.50 -17.48
C ALA A 41 -3.06 6.75 -18.99
N ILE A 42 -4.14 6.41 -19.70
CA ILE A 42 -4.12 6.49 -21.15
C ILE A 42 -3.77 7.92 -21.54
N GLN A 43 -4.40 8.86 -20.86
CA GLN A 43 -4.16 10.27 -21.11
C GLN A 43 -2.65 10.60 -21.13
N ILE A 44 -1.88 10.02 -20.23
CA ILE A 44 -0.43 10.21 -20.22
C ILE A 44 0.32 9.34 -21.24
N ALA A 45 -0.01 8.06 -21.31
CA ALA A 45 0.52 7.17 -22.33
C ALA A 45 0.42 7.68 -23.76
N LEU A 46 -0.51 8.60 -24.07
CA LEU A 46 -0.59 9.16 -25.44
C LEU A 46 0.50 10.21 -25.66
N LYS A 47 0.91 10.83 -24.57
CA LYS A 47 1.83 11.93 -24.66
C LYS A 47 3.23 11.48 -24.29
N HIS A 48 3.37 10.53 -23.38
CA HIS A 48 4.70 10.03 -23.00
C HIS A 48 4.72 8.53 -23.04
N PRO A 49 4.86 7.95 -24.24
CA PRO A 49 4.71 6.51 -24.51
C PRO A 49 5.52 5.64 -23.54
N PRO A 50 4.89 4.68 -22.86
CA PRO A 50 5.61 3.92 -21.86
C PRO A 50 6.28 2.70 -22.40
N ASN A 51 7.29 2.22 -21.71
CA ASN A 51 7.94 1.00 -22.09
C ASN A 51 7.60 -0.12 -21.18
N VAL A 52 7.16 0.23 -19.98
CA VAL A 52 6.69 -0.74 -18.98
C VAL A 52 5.43 -0.23 -18.29
N LEU A 53 4.47 -1.15 -18.13
CA LEU A 53 3.24 -0.87 -17.41
C LEU A 53 3.29 -1.71 -16.15
N LEU A 54 3.13 -1.03 -15.01
CA LEU A 54 3.04 -1.73 -13.78
C LEU A 54 1.70 -1.29 -13.20
N THR A 55 0.79 -2.25 -12.93
CA THR A 55 -0.61 -1.91 -12.66
C THR A 55 -1.33 -2.96 -11.83
N ASP A 56 -2.29 -2.51 -11.02
CA ASP A 56 -3.22 -3.38 -10.28
C ASP A 56 -4.26 -4.01 -11.22
N VAL A 57 -4.57 -5.29 -11.06
CA VAL A 57 -5.54 -5.94 -11.95
C VAL A 57 -6.94 -5.34 -11.82
N ARG A 58 -7.51 -5.39 -10.61
CA ARG A 58 -8.83 -4.81 -10.38
C ARG A 58 -8.77 -3.36 -9.94
N MET A 59 -9.48 -2.53 -10.68
CA MET A 59 -9.66 -1.17 -10.33
C MET A 59 -11.11 -0.84 -10.63
N PRO A 60 -11.61 0.21 -9.96
CA PRO A 60 -12.92 0.80 -10.18
C PRO A 60 -13.17 1.16 -11.64
N ARG A 61 -12.71 2.33 -12.08
CA ARG A 61 -13.20 2.91 -13.33
C ARG A 61 -12.70 2.29 -14.64
N MET A 62 -11.78 1.34 -14.54
CA MET A 62 -11.02 0.88 -15.68
C MET A 62 -10.07 -0.08 -15.02
N ASP A 63 -10.36 -1.38 -15.06
CA ASP A 63 -9.48 -2.32 -14.36
C ASP A 63 -8.20 -2.68 -15.14
N GLY A 64 -7.19 -3.16 -14.43
CA GLY A 64 -5.91 -3.39 -15.07
C GLY A 64 -6.15 -3.94 -16.46
N ILE A 65 -7.02 -4.92 -16.54
CA ILE A 65 -7.30 -5.62 -17.78
C ILE A 65 -7.77 -4.75 -18.96
N GLU A 66 -8.73 -3.84 -18.76
CA GLU A 66 -9.16 -3.01 -19.88
C GLU A 66 -8.06 -2.06 -20.29
N LEU A 67 -7.42 -1.45 -19.29
CA LEU A 67 -6.31 -0.56 -19.52
C LEU A 67 -5.22 -1.23 -20.30
N VAL A 68 -4.80 -2.36 -19.81
CA VAL A 68 -3.67 -3.01 -20.38
C VAL A 68 -3.96 -3.32 -21.82
N ASP A 69 -5.22 -3.47 -22.16
CA ASP A 69 -5.54 -3.82 -23.53
C ASP A 69 -5.46 -2.65 -24.50
N ASN A 70 -5.81 -1.47 -23.98
CA ASN A 70 -5.70 -0.20 -24.68
C ASN A 70 -4.22 0.19 -24.86
N ILE A 71 -3.47 0.12 -23.79
CA ILE A 71 -2.09 0.38 -23.92
C ILE A 71 -1.48 -0.58 -24.95
N LEU A 72 -1.66 -1.87 -24.82
CA LEU A 72 -1.08 -2.76 -25.83
C LEU A 72 -1.58 -2.49 -27.28
N LYS A 73 -2.65 -1.75 -27.45
CA LYS A 73 -3.10 -1.44 -28.81
C LYS A 73 -2.31 -0.24 -29.38
N LEU A 74 -1.95 0.69 -28.50
CA LEU A 74 -1.30 1.93 -28.91
C LEU A 74 0.21 1.79 -28.90
N TYR A 75 0.69 0.74 -28.24
CA TYR A 75 2.12 0.56 -27.99
C TYR A 75 2.37 -0.93 -27.82
N PRO A 76 2.27 -1.67 -28.95
CA PRO A 76 2.44 -3.12 -29.04
C PRO A 76 3.66 -3.54 -28.27
N ASP A 77 4.56 -2.60 -28.05
CA ASP A 77 5.85 -2.97 -27.52
C ASP A 77 5.97 -2.74 -26.00
N CYS A 78 5.04 -2.02 -25.41
CA CYS A 78 5.02 -1.91 -23.95
C CYS A 78 4.98 -3.30 -23.25
N SER A 79 5.91 -3.58 -22.34
CA SER A 79 5.77 -4.79 -21.54
C SER A 79 5.09 -4.42 -20.20
N VAL A 80 4.21 -5.29 -19.70
CA VAL A 80 3.36 -4.91 -18.58
C VAL A 80 3.53 -5.86 -17.38
N ILE A 81 3.55 -5.29 -16.18
CA ILE A 81 3.55 -6.09 -14.96
C ILE A 81 2.22 -5.90 -14.20
N PHE A 82 1.69 -6.97 -13.62
CA PHE A 82 0.40 -6.90 -12.96
C PHE A 82 0.57 -7.20 -11.49
N MET A 83 0.00 -6.39 -10.61
CA MET A 83 -0.05 -6.80 -9.23
C MET A 83 -1.46 -7.42 -9.04
N SER A 84 -1.54 -8.62 -8.45
CA SER A 84 -2.82 -9.34 -8.37
C SER A 84 -3.32 -9.82 -6.99
N GLY A 85 -2.53 -10.64 -6.30
CA GLY A 85 -2.99 -11.20 -5.01
C GLY A 85 -4.27 -12.05 -4.89
N TYR A 86 -4.15 -13.35 -5.19
CA TYR A 86 -5.15 -14.37 -4.75
C TYR A 86 -6.56 -14.24 -5.30
N SER A 87 -7.32 -13.33 -4.70
CA SER A 87 -8.62 -12.94 -5.25
C SER A 87 -8.73 -13.30 -6.73
N ASP A 88 -7.99 -12.56 -7.55
CA ASP A 88 -8.22 -12.57 -8.97
C ASP A 88 -6.99 -12.95 -9.74
N LYS A 89 -6.19 -13.87 -9.21
CA LYS A 89 -5.20 -14.49 -10.06
C LYS A 89 -6.07 -15.28 -11.02
N GLU A 90 -7.20 -15.69 -10.46
CA GLU A 90 -8.17 -16.52 -11.11
C GLU A 90 -8.57 -16.07 -12.50
N TYR A 91 -8.55 -14.78 -12.76
CA TYR A 91 -8.85 -14.32 -14.09
C TYR A 91 -7.62 -14.47 -15.01
N LEU A 92 -7.41 -15.69 -15.50
CA LEU A 92 -6.17 -16.13 -16.21
C LEU A 92 -4.82 -15.69 -15.57
N ARG A 99 1.51 -13.05 -25.55
CA ARG A 99 0.32 -13.68 -25.05
C ARG A 99 -0.06 -12.98 -23.73
N ALA A 100 0.84 -12.69 -22.78
CA ALA A 100 1.64 -13.57 -21.88
C ALA A 100 2.13 -12.46 -21.00
N ILE A 101 1.52 -12.28 -19.82
CA ILE A 101 2.02 -11.19 -18.98
C ILE A 101 2.60 -11.66 -17.69
N ARG A 102 3.34 -10.75 -17.10
CA ARG A 102 3.98 -11.08 -15.88
C ARG A 102 3.01 -10.62 -14.83
N TYR A 103 3.05 -11.26 -13.67
CA TYR A 103 2.38 -10.71 -12.50
C TYR A 103 3.04 -11.06 -11.19
N VAL A 104 2.70 -10.28 -10.15
CA VAL A 104 3.27 -10.45 -8.84
C VAL A 104 2.10 -10.44 -7.87
N GLU A 105 1.99 -11.50 -7.08
CA GLU A 105 0.91 -11.74 -6.19
C GLU A 105 1.06 -10.95 -4.92
N LYS A 106 -0.03 -10.35 -4.44
CA LYS A 106 -0.07 -9.58 -3.17
C LYS A 106 -0.07 -10.58 -2.04
N PRO A 107 0.45 -10.20 -0.86
CA PRO A 107 1.10 -8.90 -0.65
C PRO A 107 2.46 -8.85 -1.34
N ILE A 108 2.62 -7.86 -2.20
CA ILE A 108 3.83 -7.69 -2.99
C ILE A 108 5.05 -7.62 -2.12
N ASP A 109 6.07 -8.37 -2.51
CA ASP A 109 7.39 -8.08 -1.99
C ASP A 109 8.30 -7.46 -3.03
N PRO A 110 8.97 -6.43 -2.57
CA PRO A 110 9.71 -5.54 -3.40
C PRO A 110 10.72 -6.35 -4.20
N SER A 111 11.14 -7.48 -3.65
CA SER A 111 12.17 -8.26 -4.27
C SER A 111 11.58 -8.75 -5.59
N GLU A 112 10.31 -9.10 -5.53
CA GLU A 112 9.72 -9.75 -6.67
C GLU A 112 9.40 -8.73 -7.71
N ILE A 113 8.87 -7.59 -7.29
CA ILE A 113 8.64 -6.60 -8.29
C ILE A 113 9.98 -6.26 -8.93
N MET A 114 10.94 -5.86 -8.12
CA MET A 114 12.25 -5.56 -8.65
C MET A 114 12.74 -6.52 -9.72
N ASP A 115 12.60 -7.82 -9.52
CA ASP A 115 12.95 -8.83 -10.54
C ASP A 115 12.24 -8.66 -11.87
N ALA A 116 10.91 -8.68 -11.78
CA ALA A 116 10.06 -8.43 -12.93
C ALA A 116 10.44 -7.11 -13.66
N LEU A 117 10.72 -6.04 -12.91
CA LEU A 117 11.20 -4.79 -13.59
C LEU A 117 12.46 -5.03 -14.39
N LYS A 118 13.45 -5.74 -13.83
CA LYS A 118 14.71 -6.04 -14.55
C LYS A 118 14.44 -6.92 -15.73
N GLN A 119 13.62 -7.96 -15.54
CA GLN A 119 13.30 -8.77 -16.70
C GLN A 119 12.59 -7.98 -17.80
N SER A 120 11.61 -7.16 -17.43
CA SER A 120 10.92 -6.34 -18.39
C SER A 120 11.85 -5.37 -19.15
N ILE A 121 12.76 -4.72 -18.43
CA ILE A 121 13.74 -3.82 -19.03
C ILE A 121 14.70 -4.57 -19.88
N GLN A 122 15.06 -5.79 -19.50
CA GLN A 122 15.98 -6.56 -20.37
C GLN A 122 15.32 -6.79 -21.75
N THR A 123 14.03 -7.05 -21.72
CA THR A 123 13.22 -7.31 -22.90
C THR A 123 13.13 -6.14 -23.88
N VAL A 124 12.80 -4.96 -23.34
CA VAL A 124 12.90 -3.70 -24.06
C VAL A 124 14.30 -3.40 -24.60
N LEU A 125 15.33 -3.59 -23.77
CA LEU A 125 16.68 -3.23 -24.23
C LEU A 125 17.05 -4.18 -25.32
N GLN A 126 17.31 -5.43 -24.93
CA GLN A 126 17.52 -6.50 -25.90
C GLN A 126 16.81 -6.18 -27.22
N HIS A 127 15.55 -5.80 -27.14
CA HIS A 127 14.79 -5.56 -28.37
C HIS A 127 14.93 -4.15 -28.92
N GLN A 128 15.44 -3.22 -28.11
CA GLN A 128 15.64 -1.83 -28.56
C GLN A 128 16.80 -1.88 -29.52
N ALA A 129 17.68 -2.84 -29.26
CA ALA A 129 18.85 -3.02 -30.08
C ALA A 129 18.41 -3.58 -31.43
N GLN A 130 17.42 -2.92 -32.03
CA GLN A 130 17.35 -2.84 -33.49
C GLN A 130 18.04 -1.55 -33.90
N GLN A 131 19.02 -1.16 -33.10
CA GLN A 131 19.87 -0.05 -33.39
C GLN A 131 19.07 1.06 -34.06
N SER B 2 7.23 10.81 24.30
CA SER B 2 7.76 9.40 24.23
C SER B 2 6.71 8.34 23.94
N LEU B 3 5.96 8.58 22.87
CA LEU B 3 4.93 7.71 22.44
C LEU B 3 5.43 6.79 21.35
N ARG B 4 5.01 5.54 21.41
CA ARG B 4 5.36 4.52 20.42
C ARG B 4 4.14 4.33 19.53
N ILE B 5 4.31 4.22 18.20
CA ILE B 5 3.16 3.83 17.33
C ILE B 5 3.44 2.49 16.72
N LEU B 6 2.46 1.63 16.67
CA LEU B 6 2.68 0.33 16.08
C LEU B 6 1.89 0.28 14.79
N ILE B 7 2.60 0.24 13.65
CA ILE B 7 1.89 0.25 12.32
C ILE B 7 1.91 -1.16 11.76
N VAL B 8 0.74 -1.76 11.52
CA VAL B 8 0.69 -3.19 11.16
C VAL B 8 -0.01 -3.24 9.85
N ASP B 9 0.50 -4.03 8.90
CA ASP B 9 -0.13 -4.08 7.55
C ASP B 9 0.71 -5.06 6.80
N ASP B 10 0.06 -5.96 6.08
CA ASP B 10 0.74 -7.09 5.39
C ASP B 10 1.44 -6.65 4.12
N GLU B 11 1.32 -5.34 3.84
CA GLU B 11 1.79 -4.78 2.60
C GLU B 11 2.89 -3.76 2.81
N LYS B 12 4.13 -4.25 2.82
CA LYS B 12 5.30 -3.37 2.92
C LYS B 12 5.17 -2.10 2.10
N LEU B 13 4.80 -2.26 0.83
CA LEU B 13 4.60 -1.12 0.00
C LEU B 13 3.79 -0.08 0.73
N THR B 14 2.88 -0.54 1.58
CA THR B 14 1.92 0.37 2.16
C THR B 14 2.42 1.01 3.46
N ARG B 15 3.01 0.23 4.35
CA ARG B 15 3.56 0.87 5.53
C ARG B 15 4.61 1.92 5.12
N ASP B 16 5.44 1.59 4.13
CA ASP B 16 6.42 2.52 3.59
C ASP B 16 5.77 3.77 2.97
N GLY B 17 4.74 3.61 2.13
CA GLY B 17 4.04 4.79 1.61
C GLY B 17 3.53 5.60 2.79
N LEU B 18 2.90 4.91 3.71
CA LEU B 18 2.33 5.52 4.91
C LEU B 18 3.35 6.38 5.71
N ILE B 19 4.49 5.78 6.05
CA ILE B 19 5.51 6.45 6.81
C ILE B 19 6.04 7.60 6.01
N ALA B 20 6.25 7.34 4.73
CA ALA B 20 6.85 8.32 3.84
C ALA B 20 5.98 9.58 3.82
N ASN B 21 4.68 9.40 4.03
CA ASN B 21 3.72 10.47 3.84
C ASN B 21 3.28 11.18 5.12
N ILE B 22 3.81 10.75 6.24
CA ILE B 22 3.40 11.32 7.49
C ILE B 22 4.53 12.18 7.88
N ASN B 23 4.21 13.29 8.52
CA ASN B 23 5.24 14.15 9.00
C ASN B 23 5.45 13.91 10.51
N TRP B 24 6.37 13.03 10.84
CA TRP B 24 6.58 12.61 12.20
C TRP B 24 7.15 13.74 13.03
N LYS B 25 7.66 14.76 12.35
CA LYS B 25 8.29 15.89 13.03
C LYS B 25 7.33 16.95 13.55
N ALA B 26 6.04 16.75 13.34
CA ALA B 26 5.02 17.58 13.98
C ALA B 26 4.21 16.71 14.94
N LEU B 27 4.41 15.41 14.87
CA LEU B 27 3.71 14.52 15.78
C LEU B 27 4.53 14.33 17.06
N SER B 28 3.97 13.64 18.05
CA SER B 28 4.72 13.39 19.29
C SER B 28 5.27 11.97 19.47
N PHE B 29 5.35 11.19 18.39
CA PHE B 29 5.96 9.86 18.46
C PHE B 29 7.48 9.85 18.61
N ASP B 30 8.00 8.74 19.12
CA ASP B 30 9.42 8.64 19.38
C ASP B 30 9.84 7.34 18.80
N GLN B 31 8.88 6.45 18.63
CA GLN B 31 9.14 5.13 18.07
C GLN B 31 8.08 4.84 17.10
N ILE B 32 8.52 4.19 16.03
CA ILE B 32 7.67 3.66 15.01
C ILE B 32 8.07 2.19 14.91
N ASP B 33 7.18 1.30 15.32
CA ASP B 33 7.46 -0.11 15.12
C ASP B 33 6.66 -0.54 13.95
N GLN B 34 7.12 -1.61 13.30
CA GLN B 34 6.17 -2.17 12.39
C GLN B 34 6.16 -3.66 12.20
N ALA B 35 5.07 -4.14 11.60
CA ALA B 35 4.68 -5.54 11.66
C ALA B 35 3.97 -6.07 10.38
N ASP B 36 4.44 -7.23 9.92
CA ASP B 36 3.96 -7.92 8.74
C ASP B 36 2.52 -8.36 9.01
N ASP B 37 2.28 -8.80 10.22
CA ASP B 37 1.00 -9.40 10.52
C ASP B 37 0.63 -9.28 11.97
N GLY B 38 -0.54 -9.81 12.31
CA GLY B 38 -0.95 -9.91 13.68
C GLY B 38 -0.01 -10.70 14.60
N ILE B 39 0.35 -11.92 14.24
CA ILE B 39 1.08 -12.69 15.21
C ILE B 39 2.29 -11.85 15.53
N ASN B 40 2.91 -11.43 14.46
CA ASN B 40 4.06 -10.57 14.45
C ASN B 40 3.93 -9.24 15.27
N ALA B 41 2.80 -8.55 15.20
CA ALA B 41 2.59 -7.32 16.00
C ALA B 41 2.41 -7.59 17.49
N ILE B 42 1.74 -8.67 17.82
CA ILE B 42 1.60 -9.08 19.20
C ILE B 42 2.96 -9.36 19.81
N GLN B 43 3.83 -10.03 19.06
CA GLN B 43 5.15 -10.33 19.63
C GLN B 43 5.84 -9.02 19.99
N ILE B 44 5.76 -8.07 19.08
CA ILE B 44 6.37 -6.77 19.24
C ILE B 44 5.72 -5.95 20.38
N ALA B 45 4.38 -5.85 20.38
CA ALA B 45 3.69 -5.11 21.41
C ALA B 45 4.13 -5.59 22.78
N LEU B 46 4.13 -6.89 23.01
CA LEU B 46 4.51 -7.37 24.33
C LEU B 46 5.91 -6.94 24.71
N LYS B 47 6.79 -6.75 23.72
CA LYS B 47 8.15 -6.22 23.98
C LYS B 47 8.13 -4.71 24.20
N HIS B 48 7.27 -4.01 23.47
CA HIS B 48 7.26 -2.55 23.46
C HIS B 48 5.81 -2.13 23.29
N PRO B 49 5.13 -1.86 24.42
CA PRO B 49 3.73 -1.52 24.45
C PRO B 49 3.53 -0.35 23.56
N PRO B 50 2.62 -0.49 22.58
CA PRO B 50 2.20 0.62 21.74
C PRO B 50 1.24 1.51 22.47
N ASN B 51 1.41 2.81 22.27
CA ASN B 51 0.45 3.80 22.70
C ASN B 51 -0.62 3.92 21.66
N VAL B 52 -0.24 3.67 20.41
CA VAL B 52 -1.19 3.76 19.29
C VAL B 52 -0.96 2.66 18.30
N LEU B 53 -2.04 2.15 17.72
CA LEU B 53 -1.97 1.01 16.81
C LEU B 53 -2.61 1.48 15.55
N LEU B 54 -2.01 1.17 14.42
CA LEU B 54 -2.61 1.53 13.14
C LEU B 54 -2.65 0.28 12.29
N THR B 55 -3.82 -0.08 11.78
CA THR B 55 -3.89 -1.36 11.14
C THR B 55 -4.96 -1.48 10.07
N ASP B 56 -4.70 -2.39 9.16
CA ASP B 56 -5.68 -2.79 8.17
C ASP B 56 -6.75 -3.49 8.98
N VAL B 57 -7.99 -3.40 8.52
CA VAL B 57 -9.08 -4.20 9.07
C VAL B 57 -8.93 -5.66 8.72
N ARG B 58 -8.81 -6.03 7.46
CA ARG B 58 -8.66 -7.47 7.08
C ARG B 58 -7.21 -7.84 6.82
N MET B 59 -6.88 -9.07 7.17
CA MET B 59 -5.48 -9.51 7.15
C MET B 59 -5.44 -11.02 7.26
N PRO B 60 -4.90 -11.71 6.27
CA PRO B 60 -5.11 -13.18 6.37
C PRO B 60 -4.72 -13.68 7.77
N ARG B 61 -5.30 -14.81 8.15
CA ARG B 61 -4.98 -15.50 9.40
C ARG B 61 -4.99 -14.69 10.72
N MET B 62 -5.26 -13.39 10.67
CA MET B 62 -5.59 -12.66 11.92
C MET B 62 -5.94 -11.23 11.55
N ASP B 63 -7.23 -11.01 11.34
CA ASP B 63 -7.83 -9.71 11.24
C ASP B 63 -7.24 -8.69 12.17
N GLY B 64 -7.46 -7.43 11.78
CA GLY B 64 -7.11 -6.31 12.61
C GLY B 64 -8.01 -6.27 13.83
N ILE B 65 -9.23 -6.79 13.72
CA ILE B 65 -10.13 -6.85 14.86
C ILE B 65 -9.57 -7.82 15.91
N GLU B 66 -9.38 -9.08 15.49
CA GLU B 66 -8.81 -10.09 16.37
C GLU B 66 -7.59 -9.47 16.98
N LEU B 67 -6.81 -8.77 16.18
CA LEU B 67 -5.62 -8.11 16.71
C LEU B 67 -5.87 -7.05 17.81
N VAL B 68 -6.70 -6.05 17.53
CA VAL B 68 -6.78 -4.95 18.47
C VAL B 68 -7.24 -5.64 19.70
N ASP B 69 -8.10 -6.62 19.49
CA ASP B 69 -8.73 -7.40 20.56
C ASP B 69 -7.82 -7.89 21.66
N ASN B 70 -6.68 -8.47 21.29
CA ASN B 70 -5.79 -8.93 22.33
C ASN B 70 -4.91 -7.81 22.77
N ILE B 71 -4.70 -6.87 21.86
CA ILE B 71 -3.92 -5.71 22.21
C ILE B 71 -4.62 -4.98 23.35
N LEU B 72 -5.91 -4.71 23.17
CA LEU B 72 -6.68 -4.07 24.20
C LEU B 72 -6.69 -4.91 25.46
N LYS B 73 -6.93 -6.21 25.32
CA LYS B 73 -6.78 -7.11 26.45
C LYS B 73 -5.74 -6.54 27.37
N LEU B 74 -4.51 -6.40 26.90
CA LEU B 74 -3.39 -6.11 27.81
C LEU B 74 -2.77 -4.71 27.78
N TYR B 75 -3.41 -3.80 27.08
CA TYR B 75 -3.03 -2.41 27.07
C TYR B 75 -4.29 -1.60 26.78
N PRO B 76 -5.27 -1.64 27.68
CA PRO B 76 -6.53 -0.94 27.47
C PRO B 76 -6.30 0.48 26.99
N ASP B 77 -5.12 1.00 27.32
CA ASP B 77 -4.80 2.44 27.27
C ASP B 77 -4.48 2.89 25.85
N CYS B 78 -4.44 1.92 24.93
CA CYS B 78 -3.94 2.13 23.57
C CYS B 78 -5.05 2.58 22.63
N SER B 79 -4.79 3.63 21.82
CA SER B 79 -5.72 3.99 20.74
C SER B 79 -5.47 3.21 19.45
N VAL B 80 -6.52 3.03 18.68
CA VAL B 80 -6.48 2.27 17.48
C VAL B 80 -6.99 3.12 16.35
N ILE B 81 -6.27 3.08 15.23
CA ILE B 81 -6.77 3.64 13.99
C ILE B 81 -6.81 2.55 12.92
N PHE B 82 -7.97 2.30 12.33
CA PHE B 82 -8.02 1.31 11.29
C PHE B 82 -7.95 1.92 9.90
N MET B 83 -7.25 1.29 8.98
CA MET B 83 -7.39 1.73 7.60
C MET B 83 -8.39 0.78 6.99
N SER B 84 -9.56 1.28 6.63
CA SER B 84 -10.67 0.41 6.28
C SER B 84 -11.07 0.50 4.82
N GLY B 85 -11.58 -0.60 4.28
CA GLY B 85 -11.90 -0.69 2.87
C GLY B 85 -13.38 -0.62 2.58
N TYR B 86 -13.83 -1.44 1.62
CA TYR B 86 -15.12 -1.23 0.95
C TYR B 86 -16.27 -1.40 1.90
N SER B 87 -16.59 -2.64 2.21
CA SER B 87 -17.46 -2.80 3.35
C SER B 87 -16.80 -3.48 4.54
N ASP B 88 -15.85 -2.75 5.10
CA ASP B 88 -15.13 -3.13 6.29
C ASP B 88 -15.84 -2.35 7.33
N LYS B 89 -16.56 -1.33 6.88
CA LYS B 89 -17.30 -0.49 7.81
C LYS B 89 -18.40 -1.25 8.57
N GLU B 90 -19.32 -1.90 7.86
CA GLU B 90 -20.25 -2.80 8.53
C GLU B 90 -19.51 -3.68 9.54
N TYR B 91 -18.34 -4.14 9.15
CA TYR B 91 -17.62 -5.11 9.96
C TYR B 91 -17.16 -4.47 11.29
N LEU B 92 -16.57 -3.30 11.17
CA LEU B 92 -16.07 -2.58 12.31
C LEU B 92 -17.19 -2.45 13.29
N LYS B 93 -18.32 -1.96 12.83
CA LYS B 93 -19.35 -1.64 13.78
C LYS B 93 -19.87 -2.89 14.51
N ALA B 94 -19.91 -4.03 13.83
CA ALA B 94 -20.39 -5.27 14.45
C ALA B 94 -19.43 -5.74 15.56
N ALA B 95 -18.15 -5.43 15.42
CA ALA B 95 -17.23 -6.06 16.35
C ALA B 95 -16.86 -5.17 17.53
N ILE B 96 -16.84 -3.84 17.33
CA ILE B 96 -16.41 -2.94 18.40
C ILE B 96 -17.44 -2.57 19.48
N LYS B 97 -18.37 -1.66 19.21
CA LYS B 97 -19.48 -1.52 20.17
C LYS B 97 -19.43 -0.38 21.19
N PHE B 98 -18.56 -0.48 22.20
CA PHE B 98 -18.32 0.66 23.11
C PHE B 98 -16.85 0.98 23.14
N ARG B 99 -16.42 1.88 22.26
CA ARG B 99 -15.00 2.03 22.05
C ARG B 99 -14.85 2.94 20.87
N ALA B 100 -13.70 3.60 20.79
CA ALA B 100 -13.51 4.72 19.85
C ALA B 100 -13.09 4.33 18.41
N ILE B 101 -13.93 3.51 17.78
CA ILE B 101 -13.88 3.28 16.34
C ILE B 101 -13.22 4.54 15.70
N ARG B 102 -11.88 4.60 15.55
CA ARG B 102 -11.31 5.56 14.59
C ARG B 102 -10.85 4.88 13.31
N TYR B 103 -11.32 5.38 12.17
CA TYR B 103 -10.97 4.77 10.90
C TYR B 103 -10.67 5.80 9.75
N VAL B 104 -10.19 5.29 8.63
CA VAL B 104 -9.78 6.13 7.55
C VAL B 104 -10.04 5.33 6.27
N GLU B 105 -10.84 5.89 5.38
CA GLU B 105 -11.29 5.15 4.22
C GLU B 105 -10.27 5.11 3.11
N LYS B 106 -9.98 3.91 2.64
CA LYS B 106 -9.26 3.73 1.42
C LYS B 106 -10.14 4.33 0.32
N PRO B 107 -9.52 4.93 -0.71
CA PRO B 107 -8.07 5.22 -0.87
C PRO B 107 -7.47 6.17 0.21
N ILE B 108 -6.58 5.70 1.07
CA ILE B 108 -6.17 6.57 2.16
C ILE B 108 -5.77 7.92 1.65
N ASP B 109 -6.27 8.94 2.31
CA ASP B 109 -5.79 10.32 2.13
C ASP B 109 -4.89 10.55 3.36
N PRO B 110 -3.63 10.97 3.11
CA PRO B 110 -2.63 11.14 4.18
C PRO B 110 -2.87 12.40 5.02
N SER B 111 -3.95 13.09 4.76
CA SER B 111 -4.32 14.22 5.57
C SER B 111 -5.20 13.69 6.66
N GLU B 112 -6.10 12.80 6.26
CA GLU B 112 -7.03 12.20 7.16
C GLU B 112 -6.21 11.40 8.15
N ILE B 113 -5.33 10.58 7.64
CA ILE B 113 -4.45 9.91 8.54
C ILE B 113 -3.62 10.79 9.44
N MET B 114 -3.42 12.06 9.16
CA MET B 114 -2.63 12.83 10.09
C MET B 114 -3.46 13.44 11.22
N ASP B 115 -4.77 13.55 11.00
CA ASP B 115 -5.68 13.97 12.07
C ASP B 115 -5.88 12.82 13.02
N ALA B 116 -6.25 11.68 12.44
CA ALA B 116 -6.55 10.58 13.29
C ALA B 116 -5.30 10.52 14.19
N LEU B 117 -4.12 10.68 13.63
CA LEU B 117 -2.95 10.55 14.53
C LEU B 117 -2.89 11.67 15.58
N LYS B 118 -3.17 12.90 15.18
CA LYS B 118 -3.06 14.00 16.14
C LYS B 118 -4.02 13.70 17.25
N GLN B 119 -5.11 13.04 16.90
CA GLN B 119 -6.19 12.90 17.84
C GLN B 119 -5.96 11.72 18.73
N SER B 120 -5.61 10.58 18.14
CA SER B 120 -5.06 9.47 18.90
C SER B 120 -4.10 9.97 19.97
N ILE B 121 -3.03 10.65 19.59
CA ILE B 121 -2.09 11.11 20.58
C ILE B 121 -2.90 11.77 21.68
N GLN B 122 -3.85 12.67 21.34
CA GLN B 122 -4.51 13.43 22.41
C GLN B 122 -5.18 12.46 23.39
N THR B 123 -5.96 11.55 22.84
CA THR B 123 -6.63 10.51 23.61
C THR B 123 -5.68 9.79 24.58
N VAL B 124 -4.58 9.27 24.06
CA VAL B 124 -3.61 8.62 24.90
C VAL B 124 -3.14 9.54 26.04
N LEU B 125 -2.65 10.74 25.72
CA LEU B 125 -2.29 11.66 26.79
C LEU B 125 -3.38 11.77 27.85
N GLN B 126 -4.63 11.90 27.41
CA GLN B 126 -5.79 11.89 28.30
C GLN B 126 -5.80 10.63 29.18
N HIS B 127 -5.76 9.44 28.57
CA HIS B 127 -5.73 8.21 29.39
C HIS B 127 -4.58 8.33 30.38
N GLN B 128 -3.43 8.76 29.88
CA GLN B 128 -2.29 8.92 30.76
C GLN B 128 -2.55 9.90 31.88
N ALA B 129 -3.69 10.57 31.90
CA ALA B 129 -3.94 11.52 33.01
C ALA B 129 -4.57 10.96 34.33
N GLN B 130 -5.19 9.76 34.31
CA GLN B 130 -5.52 9.05 35.56
C GLN B 130 -5.13 7.57 35.51
#